data_4PMF
#
_entry.id   4PMF
#
_cell.length_a   43.255
_cell.length_b   85.487
_cell.length_c   64.168
_cell.angle_alpha   90.00
_cell.angle_beta   90.00
_cell.angle_gamma   90.00
#
_symmetry.space_group_name_H-M   'P 21 21 2'
#
loop_
_entity.id
_entity.type
_entity.pdbx_description
1 polymer Transthyretin
2 non-polymer (1Z,4Z,6E)-5-hydroxy-1,7-bis(4-hydroxy-3-methoxyphenyl)hepta-1,4,6-trien-3-one
3 non-polymer 'SODIUM ION'
4 non-polymer 1,2-ETHANEDIOL
5 water water
#
_entity_poly.entity_id   1
_entity_poly.type   'polypeptide(L)'
_entity_poly.pdbx_seq_one_letter_code
;KCPLMVKVLDAVRGSPAINVAVHVFRKAADDTWEPFASGKTSESGELHGLTTEEEFVEGIYKVEIDTKSYWKALGISPFH
EHAEVVFTANDSGPRRYTIAALLSPYSYSTTAVVTNP
;
_entity_poly.pdbx_strand_id   A,B
#
loop_
_chem_comp.id
_chem_comp.type
_chem_comp.name
_chem_comp.formula
CUR non-polymer (1Z,4Z,6E)-5-hydroxy-1,7-bis(4-hydroxy-3-methoxyphenyl)hepta-1,4,6-trien-3-one 'C21 H20 O6'
EDO non-polymer 1,2-ETHANEDIOL 'C2 H6 O2'
NA non-polymer 'SODIUM ION' 'Na 1'
#
# COMPACT_ATOMS: atom_id res chain seq x y z
N LYS A 1 -9.26 8.22 -18.83
CA LYS A 1 -8.92 7.23 -19.84
C LYS A 1 -7.43 7.22 -20.05
N CYS A 2 -6.96 8.08 -20.93
CA CYS A 2 -5.54 8.12 -21.24
C CYS A 2 -4.65 8.53 -20.06
N PRO A 3 -5.05 9.63 -19.28
CA PRO A 3 -4.06 10.02 -18.26
C PRO A 3 -3.85 9.03 -17.11
N LEU A 4 -4.92 8.40 -16.65
CA LEU A 4 -4.86 7.53 -15.50
C LEU A 4 -5.67 6.26 -15.73
N MET A 5 -5.00 5.11 -15.68
CA MET A 5 -5.62 3.82 -15.94
C MET A 5 -5.23 2.89 -14.80
N VAL A 6 -6.14 2.01 -14.40
CA VAL A 6 -5.86 1.03 -13.35
C VAL A 6 -6.15 -0.37 -13.90
N LYS A 7 -5.27 -1.31 -13.60
CA LYS A 7 -5.44 -2.70 -13.98
C LYS A 7 -5.25 -3.58 -12.77
N VAL A 8 -6.14 -4.53 -12.56
CA VAL A 8 -6.09 -5.37 -11.37
C VAL A 8 -6.18 -6.83 -11.77
N LEU A 9 -5.26 -7.64 -11.25
CA LEU A 9 -5.16 -9.06 -11.55
C LEU A 9 -5.26 -9.88 -10.28
N ASP A 10 -5.84 -11.06 -10.40
CA ASP A 10 -6.01 -12.03 -9.30
C ASP A 10 -4.96 -13.15 -9.46
N ALA A 11 -4.03 -13.24 -8.51
CA ALA A 11 -2.93 -14.22 -8.55
C ALA A 11 -3.33 -15.61 -8.05
N VAL A 12 -4.54 -15.74 -7.50
CA VAL A 12 -5.06 -17.05 -7.09
C VAL A 12 -5.73 -17.75 -8.26
N ARG A 13 -6.48 -17.01 -9.06
CA ARG A 13 -7.24 -17.59 -10.16
C ARG A 13 -6.57 -17.42 -11.52
N GLY A 14 -5.57 -16.56 -11.62
CA GLY A 14 -4.91 -16.27 -12.89
C GLY A 14 -5.85 -15.58 -13.84
N SER A 15 -6.51 -14.54 -13.34
CA SER A 15 -7.57 -13.89 -14.09
C SER A 15 -7.55 -12.40 -13.79
N PRO A 16 -8.18 -11.59 -14.66
CA PRO A 16 -8.52 -10.22 -14.25
C PRO A 16 -9.34 -10.26 -12.96
N ALA A 17 -9.18 -9.23 -12.14
CA ALA A 17 -10.01 -9.03 -10.99
C ALA A 17 -11.13 -8.08 -11.41
N ILE A 18 -12.34 -8.63 -11.51
CA ILE A 18 -13.48 -7.94 -12.11
C ILE A 18 -14.37 -7.30 -11.05
N ASN A 19 -14.92 -6.12 -11.37
N ASN A 19 -14.97 -6.15 -11.35
CA ASN A 19 -15.87 -5.40 -10.52
CA ASN A 19 -15.90 -5.47 -10.44
C ASN A 19 -15.27 -4.95 -9.20
C ASN A 19 -15.25 -4.97 -9.15
N VAL A 20 -13.96 -4.66 -9.22
CA VAL A 20 -13.25 -4.17 -8.06
C VAL A 20 -13.42 -2.65 -7.97
N ALA A 21 -13.84 -2.17 -6.81
CA ALA A 21 -14.02 -0.75 -6.60
C ALA A 21 -12.68 -0.05 -6.44
N VAL A 22 -12.57 1.10 -7.07
CA VAL A 22 -11.35 1.90 -7.07
C VAL A 22 -11.73 3.35 -6.75
N HIS A 23 -11.12 3.93 -5.72
CA HIS A 23 -11.39 5.30 -5.31
C HIS A 23 -10.11 6.11 -5.40
N VAL A 24 -10.18 7.25 -6.07
CA VAL A 24 -9.02 8.14 -6.25
C VAL A 24 -9.24 9.43 -5.50
N PHE A 25 -8.22 9.85 -4.78
CA PHE A 25 -8.24 11.09 -3.99
C PHE A 25 -7.09 11.97 -4.40
N ARG A 26 -7.22 13.27 -4.15
CA ARG A 26 -6.16 14.25 -4.45
C ARG A 26 -5.95 15.09 -3.22
N LYS A 27 -4.70 15.27 -2.81
CA LYS A 27 -4.42 16.06 -1.62
C LYS A 27 -4.70 17.55 -1.86
N ALA A 28 -5.53 18.13 -0.99
CA ALA A 28 -5.95 19.53 -1.10
C ALA A 28 -4.94 20.49 -0.47
N ALA A 29 -5.18 21.79 -0.63
CA ALA A 29 -4.30 22.81 -0.08
C ALA A 29 -4.16 22.69 1.43
N ASP A 30 -5.22 22.24 2.10
CA ASP A 30 -5.20 22.08 3.56
C ASP A 30 -4.69 20.71 4.02
N ASP A 31 -4.04 19.98 3.11
N ASP A 31 -4.01 19.99 3.11
CA ASP A 31 -3.42 18.69 3.41
CA ASP A 31 -3.43 18.68 3.39
C ASP A 31 -4.44 17.60 3.75
C ASP A 31 -4.44 17.60 3.75
N THR A 32 -5.68 17.75 3.30
CA THR A 32 -6.67 16.68 3.45
C THR A 32 -6.84 15.95 2.12
N TRP A 33 -7.34 14.71 2.16
CA TRP A 33 -7.64 13.96 0.94
C TRP A 33 -9.02 14.27 0.40
N GLU A 34 -9.07 14.88 -0.78
N GLU A 34 -9.07 14.87 -0.79
CA GLU A 34 -10.36 15.19 -1.40
CA GLU A 34 -10.35 15.19 -1.42
C GLU A 34 -10.73 14.15 -2.45
C GLU A 34 -10.73 14.13 -2.45
N PRO A 35 -12.01 13.75 -2.49
CA PRO A 35 -12.43 12.81 -3.54
C PRO A 35 -12.14 13.37 -4.93
N PHE A 36 -11.60 12.53 -5.80
CA PHE A 36 -11.22 12.96 -7.14
C PHE A 36 -11.98 12.18 -8.22
N ALA A 37 -12.02 10.86 -8.12
CA ALA A 37 -12.74 10.04 -9.08
C ALA A 37 -12.91 8.65 -8.51
N SER A 38 -13.85 7.88 -9.03
CA SER A 38 -13.95 6.48 -8.67
C SER A 38 -14.59 5.66 -9.78
N GLY A 39 -14.50 4.34 -9.66
CA GLY A 39 -15.07 3.46 -10.65
C GLY A 39 -14.89 2.01 -10.24
N LYS A 40 -15.25 1.10 -11.15
CA LYS A 40 -15.08 -0.33 -10.93
C LYS A 40 -14.38 -0.96 -12.12
N THR A 41 -13.56 -1.97 -11.85
CA THR A 41 -12.87 -2.63 -12.96
C THR A 41 -13.84 -3.44 -13.83
N SER A 42 -13.52 -3.49 -15.11
CA SER A 42 -14.31 -4.20 -16.10
C SER A 42 -14.03 -5.69 -16.10
N GLU A 43 -14.61 -6.39 -17.07
N GLU A 43 -14.60 -6.39 -17.08
CA GLU A 43 -14.38 -7.82 -17.24
CA GLU A 43 -14.37 -7.83 -17.18
C GLU A 43 -12.91 -8.11 -17.53
C GLU A 43 -12.93 -8.12 -17.59
N SER A 44 -12.20 -7.10 -18.05
CA SER A 44 -10.79 -7.28 -18.34
C SER A 44 -9.88 -6.85 -17.19
N GLY A 45 -10.49 -6.48 -16.06
CA GLY A 45 -9.74 -6.04 -14.90
C GLY A 45 -9.25 -4.61 -15.02
N GLU A 46 -9.77 -3.86 -15.99
CA GLU A 46 -9.27 -2.51 -16.27
C GLU A 46 -10.28 -1.45 -15.91
N LEU A 47 -9.78 -0.28 -15.55
CA LEU A 47 -10.62 0.87 -15.25
C LEU A 47 -10.03 2.04 -16.00
N HIS A 48 -10.78 2.50 -16.99
CA HIS A 48 -10.45 3.65 -17.81
C HIS A 48 -11.43 4.77 -17.52
N GLY A 49 -11.11 5.96 -17.98
CA GLY A 49 -12.06 7.05 -17.95
C GLY A 49 -12.20 7.71 -16.60
N LEU A 50 -11.26 7.48 -15.69
CA LEU A 50 -11.33 8.10 -14.38
C LEU A 50 -11.22 9.62 -14.46
N THR A 51 -10.38 10.12 -15.36
CA THR A 51 -10.17 11.56 -15.43
C THR A 51 -9.79 11.99 -16.83
N THR A 52 -9.49 13.28 -16.97
CA THR A 52 -9.12 13.85 -18.26
C THR A 52 -7.82 14.60 -18.11
N GLU A 53 -7.19 14.92 -19.24
N GLU A 53 -7.22 14.93 -19.25
CA GLU A 53 -5.95 15.69 -19.22
CA GLU A 53 -6.03 15.78 -19.29
C GLU A 53 -6.11 17.02 -18.49
C GLU A 53 -6.27 17.14 -18.62
N GLU A 54 -7.26 17.67 -18.70
N GLU A 54 -7.48 17.66 -18.74
CA GLU A 54 -7.51 18.99 -18.12
CA GLU A 54 -7.79 18.98 -18.20
C GLU A 54 -7.73 18.90 -16.61
C GLU A 54 -7.86 18.95 -16.68
N GLU A 55 -8.41 17.86 -16.16
CA GLU A 55 -8.69 17.72 -14.73
C GLU A 55 -7.49 17.23 -13.92
N PHE A 56 -6.66 16.40 -14.56
CA PHE A 56 -5.57 15.70 -13.89
C PHE A 56 -4.32 16.58 -13.83
N VAL A 57 -4.38 17.57 -12.98
CA VAL A 57 -3.28 18.52 -12.80
C VAL A 57 -2.21 17.95 -11.88
N GLU A 58 -1.12 18.68 -11.72
CA GLU A 58 -0.12 18.34 -10.71
C GLU A 58 -0.77 18.12 -9.37
N GLY A 59 -0.25 17.17 -8.59
CA GLY A 59 -0.78 16.95 -7.27
C GLY A 59 -0.27 15.65 -6.69
N ILE A 60 -0.63 15.40 -5.45
CA ILE A 60 -0.40 14.10 -4.83
C ILE A 60 -1.72 13.37 -4.83
N TYR A 61 -1.71 12.19 -5.44
CA TYR A 61 -2.91 11.39 -5.63
C TYR A 61 -2.81 10.10 -4.86
N LYS A 62 -3.96 9.61 -4.42
CA LYS A 62 -4.05 8.32 -3.76
C LYS A 62 -5.07 7.48 -4.49
N VAL A 63 -4.67 6.28 -4.89
CA VAL A 63 -5.57 5.33 -5.51
C VAL A 63 -5.81 4.19 -4.52
N GLU A 64 -7.03 4.04 -4.02
CA GLU A 64 -7.37 2.98 -3.08
C GLU A 64 -8.22 1.93 -3.78
N ILE A 65 -7.73 0.70 -3.79
CA ILE A 65 -8.38 -0.41 -4.46
C ILE A 65 -9.02 -1.29 -3.40
N ASP A 66 -10.34 -1.49 -3.47
CA ASP A 66 -11.03 -2.25 -2.42
C ASP A 66 -10.88 -3.76 -2.61
N THR A 67 -9.72 -4.24 -2.21
CA THR A 67 -9.37 -5.64 -2.36
C THR A 67 -10.10 -6.50 -1.32
N LYS A 68 -10.41 -5.93 -0.17
N LYS A 68 -10.41 -5.93 -0.17
CA LYS A 68 -11.06 -6.75 0.84
CA LYS A 68 -11.07 -6.71 0.87
C LYS A 68 -12.45 -7.19 0.39
C LYS A 68 -12.46 -7.17 0.43
N SER A 69 -13.24 -6.28 -0.18
CA SER A 69 -14.56 -6.66 -0.67
C SER A 69 -14.44 -7.69 -1.79
N TYR A 70 -13.43 -7.55 -2.63
CA TYR A 70 -13.18 -8.50 -3.69
C TYR A 70 -12.97 -9.91 -3.15
N TRP A 71 -12.04 -10.08 -2.22
CA TRP A 71 -11.79 -11.40 -1.66
C TRP A 71 -12.98 -11.95 -0.89
N LYS A 72 -13.65 -11.10 -0.13
N LYS A 72 -13.63 -11.10 -0.11
CA LYS A 72 -14.77 -11.58 0.69
CA LYS A 72 -14.77 -11.57 0.69
C LYS A 72 -15.92 -12.09 -0.17
C LYS A 72 -15.85 -12.15 -0.21
N ALA A 73 -16.10 -11.52 -1.36
CA ALA A 73 -17.14 -12.00 -2.30
C ALA A 73 -16.80 -13.38 -2.85
N LEU A 74 -15.52 -13.74 -2.82
CA LEU A 74 -15.05 -15.05 -3.26
C LEU A 74 -14.89 -16.04 -2.11
N GLY A 75 -15.32 -15.65 -0.91
CA GLY A 75 -15.30 -16.53 0.24
C GLY A 75 -14.02 -16.49 1.06
N ILE A 76 -13.15 -15.53 0.74
CA ILE A 76 -11.84 -15.45 1.35
C ILE A 76 -11.75 -14.26 2.28
N SER A 77 -11.23 -14.47 3.49
CA SER A 77 -10.99 -13.39 4.43
C SER A 77 -9.55 -12.96 4.31
N PRO A 78 -9.29 -11.83 3.66
CA PRO A 78 -7.91 -11.44 3.35
C PRO A 78 -7.27 -10.60 4.44
N PHE A 79 -5.97 -10.41 4.32
N PHE A 79 -5.97 -10.38 4.29
CA PHE A 79 -5.27 -9.67 5.36
CA PHE A 79 -5.20 -9.55 5.21
C PHE A 79 -5.47 -8.16 5.27
C PHE A 79 -5.52 -8.06 5.09
N HIS A 80 -5.46 -7.61 4.07
N HIS A 80 -5.20 -7.49 3.92
CA HIS A 80 -5.42 -6.16 3.90
CA HIS A 80 -5.32 -6.06 3.71
C HIS A 80 -6.79 -5.55 3.69
C HIS A 80 -6.76 -5.56 3.70
N GLU A 81 -6.94 -4.32 4.15
CA GLU A 81 -8.20 -3.62 3.94
C GLU A 81 -8.34 -3.17 2.49
N HIS A 82 -7.22 -2.86 1.86
CA HIS A 82 -7.20 -2.36 0.50
C HIS A 82 -5.78 -2.38 -0.02
N ALA A 83 -5.60 -2.16 -1.32
CA ALA A 83 -4.29 -1.95 -1.92
C ALA A 83 -4.26 -0.49 -2.29
N GLU A 84 -3.07 0.08 -2.35
N GLU A 84 -3.22 0.21 -1.85
CA GLU A 84 -2.98 1.48 -2.70
CA GLU A 84 -3.23 1.68 -1.84
C GLU A 84 -1.75 1.86 -3.49
C GLU A 84 -1.97 2.25 -2.43
N VAL A 85 -1.86 3.02 -4.14
N VAL A 85 -2.12 3.24 -3.30
CA VAL A 85 -0.69 3.82 -4.45
CA VAL A 85 -1.01 3.74 -4.11
C VAL A 85 -0.96 5.23 -3.98
C VAL A 85 -0.97 5.26 -4.07
N VAL A 86 0.10 5.83 -3.48
CA VAL A 86 0.14 7.27 -3.26
C VAL A 86 1.33 7.82 -4.04
N PHE A 87 1.11 8.82 -4.88
CA PHE A 87 2.16 9.29 -5.77
C PHE A 87 1.98 10.74 -6.16
N THR A 88 3.08 11.40 -6.45
CA THR A 88 3.03 12.73 -7.04
C THR A 88 2.92 12.61 -8.54
N ALA A 89 1.94 13.30 -9.14
CA ALA A 89 1.69 13.21 -10.57
C ALA A 89 2.05 14.51 -11.30
N ASN A 90 2.55 14.38 -12.52
CA ASN A 90 2.75 15.47 -13.48
C ASN A 90 3.73 16.56 -13.04
N ASP A 91 4.69 16.19 -12.19
N ASP A 91 4.66 16.23 -12.15
CA ASP A 91 5.67 17.12 -11.63
CA ASP A 91 5.54 17.26 -11.59
C ASP A 91 6.55 17.75 -12.72
C ASP A 91 6.58 17.74 -12.61
N SER A 92 6.89 16.95 -13.73
N SER A 92 6.72 16.97 -13.69
CA SER A 92 7.67 17.45 -14.86
CA SER A 92 7.60 17.34 -14.79
C SER A 92 6.82 17.52 -16.13
C SER A 92 6.82 17.49 -16.09
N GLY A 93 5.53 17.83 -15.96
CA GLY A 93 4.64 17.92 -17.10
C GLY A 93 3.74 16.69 -17.16
N PRO A 94 2.70 16.73 -18.01
CA PRO A 94 1.71 15.64 -18.07
C PRO A 94 2.36 14.32 -18.44
N ARG A 95 1.93 13.26 -17.76
CA ARG A 95 2.31 11.91 -18.12
C ARG A 95 1.07 11.03 -18.14
N ARG A 96 1.19 9.87 -18.77
N ARG A 96 1.21 9.86 -18.76
CA ARG A 96 0.16 8.85 -18.70
CA ARG A 96 0.17 8.83 -18.74
C ARG A 96 0.58 7.79 -17.70
C ARG A 96 0.55 7.74 -17.74
N TYR A 97 -0.33 7.51 -16.76
CA TYR A 97 -0.04 6.59 -15.65
C TYR A 97 -0.91 5.36 -15.73
N THR A 98 -0.29 4.18 -15.73
CA THR A 98 -1.01 2.95 -15.52
C THR A 98 -0.58 2.35 -14.19
N ILE A 99 -1.55 2.16 -13.31
CA ILE A 99 -1.34 1.54 -12.02
C ILE A 99 -1.79 0.10 -12.10
N ALA A 100 -0.87 -0.83 -11.93
CA ALA A 100 -1.20 -2.24 -11.99
C ALA A 100 -1.10 -2.84 -10.61
N ALA A 101 -2.10 -3.61 -10.20
CA ALA A 101 -2.11 -4.26 -8.90
C ALA A 101 -2.27 -5.74 -9.11
N LEU A 102 -1.48 -6.52 -8.39
CA LEU A 102 -1.58 -7.98 -8.45
C LEU A 102 -1.95 -8.46 -7.06
N LEU A 103 -3.07 -9.17 -6.95
CA LEU A 103 -3.68 -9.49 -5.66
C LEU A 103 -3.58 -10.95 -5.23
N SER A 104 -3.19 -11.15 -3.97
CA SER A 104 -3.34 -12.43 -3.27
C SER A 104 -3.95 -12.17 -1.92
N PRO A 105 -4.50 -13.21 -1.26
CA PRO A 105 -5.20 -12.91 -0.01
C PRO A 105 -4.32 -12.26 1.07
N TYR A 106 -3.05 -12.62 1.15
CA TYR A 106 -2.15 -12.04 2.16
C TYR A 106 -0.98 -11.26 1.58
N SER A 107 -1.11 -10.81 0.32
CA SER A 107 -0.03 -10.10 -0.34
C SER A 107 -0.57 -9.30 -1.51
N TYR A 108 0.00 -8.15 -1.77
N TYR A 108 0.02 -8.15 -1.80
CA TYR A 108 -0.33 -7.50 -3.02
CA TYR A 108 -0.23 -7.49 -3.08
C TYR A 108 0.89 -6.78 -3.51
C TYR A 108 0.99 -6.73 -3.57
N SER A 109 0.96 -6.56 -4.80
N SER A 109 0.96 -6.37 -4.86
N SER A 109 1.16 -6.66 -4.89
CA SER A 109 1.98 -5.70 -5.31
CA SER A 109 2.00 -5.56 -5.45
CA SER A 109 2.21 -6.05 -5.71
C SER A 109 1.36 -4.65 -6.17
C SER A 109 1.38 -4.45 -6.29
C SER A 109 1.63 -5.03 -6.67
N THR A 110 2.19 -3.70 -6.50
N THR A 110 1.77 -3.20 -6.05
CA THR A 110 1.71 -2.64 -7.34
CA THR A 110 1.35 -2.14 -6.98
C THR A 110 2.85 -2.08 -8.12
C THR A 110 2.57 -1.58 -7.75
N THR A 111 2.52 -1.60 -9.29
N THR A 111 2.49 -1.63 -9.07
CA THR A 111 3.53 -1.21 -10.24
CA THR A 111 3.54 -1.04 -9.92
C THR A 111 2.97 -0.08 -11.05
C THR A 111 2.94 0.08 -10.77
N ALA A 112 3.79 0.94 -11.27
CA ALA A 112 3.39 2.02 -12.16
C ALA A 112 4.17 1.96 -13.46
N VAL A 113 3.46 2.13 -14.57
CA VAL A 113 4.05 2.37 -15.86
C VAL A 113 3.73 3.80 -16.22
N VAL A 114 4.76 4.60 -16.42
CA VAL A 114 4.60 6.03 -16.67
C VAL A 114 5.16 6.33 -18.06
N THR A 115 4.33 6.91 -18.92
CA THR A 115 4.71 7.20 -20.30
C THR A 115 4.56 8.70 -20.58
N ASN A 116 5.45 9.24 -21.42
CA ASN A 116 5.37 10.63 -21.83
C ASN A 116 4.61 10.75 -23.14
N PRO A 117 3.47 11.46 -23.13
CA PRO A 117 2.58 11.60 -24.28
C PRO A 117 3.30 12.07 -25.54
N LYS B 1 8.17 -6.36 19.42
CA LYS B 1 9.14 -7.36 18.97
C LYS B 1 8.43 -8.67 18.70
N CYS B 2 7.53 -9.01 19.60
CA CYS B 2 6.74 -10.21 19.42
C CYS B 2 5.59 -9.97 18.46
N PRO B 3 4.66 -9.05 18.77
CA PRO B 3 3.44 -9.18 17.98
C PRO B 3 3.49 -8.52 16.60
N LEU B 4 4.36 -7.54 16.39
CA LEU B 4 4.40 -6.81 15.12
C LEU B 4 5.83 -6.50 14.72
N MET B 5 6.24 -7.06 13.58
CA MET B 5 7.58 -6.92 13.05
C MET B 5 7.48 -6.43 11.62
N VAL B 6 8.44 -5.63 11.19
CA VAL B 6 8.49 -5.17 9.81
C VAL B 6 9.83 -5.54 9.20
N LYS B 7 9.82 -6.02 7.97
CA LYS B 7 11.04 -6.37 7.26
C LYS B 7 11.01 -5.76 5.87
N VAL B 8 12.07 -5.07 5.49
CA VAL B 8 12.08 -4.35 4.21
C VAL B 8 13.32 -4.74 3.41
N LEU B 9 13.11 -5.10 2.14
CA LEU B 9 14.17 -5.50 1.21
C LEU B 9 14.22 -4.59 0.00
N ASP B 10 15.42 -4.42 -0.54
CA ASP B 10 15.70 -3.59 -1.70
C ASP B 10 15.98 -4.50 -2.91
N ALA B 11 15.08 -4.45 -3.88
CA ALA B 11 15.14 -5.30 -5.08
C ALA B 11 16.12 -4.80 -6.14
N VAL B 12 16.62 -3.60 -5.99
CA VAL B 12 17.60 -3.06 -6.92
C VAL B 12 19.00 -3.47 -6.51
N ARG B 13 19.29 -3.44 -5.21
N ARG B 13 19.30 -3.43 -5.21
CA ARG B 13 20.64 -3.75 -4.73
CA ARG B 13 20.63 -3.75 -4.73
C ARG B 13 20.74 -5.14 -4.12
C ARG B 13 20.75 -5.19 -4.24
N GLY B 14 19.62 -5.84 -3.99
CA GLY B 14 19.63 -7.19 -3.43
C GLY B 14 20.11 -7.20 -1.99
N SER B 15 19.51 -6.34 -1.19
CA SER B 15 20.00 -6.10 0.16
C SER B 15 18.83 -5.78 1.07
N PRO B 16 19.05 -5.90 2.38
CA PRO B 16 18.10 -5.26 3.29
C PRO B 16 18.00 -3.77 2.97
N ALA B 17 16.83 -3.20 3.18
CA ALA B 17 16.66 -1.76 3.07
C ALA B 17 16.87 -1.17 4.45
N ILE B 18 18.00 -0.47 4.58
N ILE B 18 18.03 -0.55 4.67
CA ILE B 18 18.49 0.00 5.88
CA ILE B 18 18.36 -0.10 6.01
C ILE B 18 18.10 1.46 6.14
C ILE B 18 18.07 1.39 6.17
N ASN B 19 17.75 1.76 7.40
N ASN B 19 17.82 1.80 7.41
CA ASN B 19 17.44 3.11 7.87
CA ASN B 19 17.49 3.19 7.72
C ASN B 19 16.18 3.68 7.21
C ASN B 19 16.24 3.67 7.00
N VAL B 20 15.25 2.80 6.88
CA VAL B 20 13.96 3.20 6.32
C VAL B 20 13.01 3.57 7.46
N ALA B 21 12.42 4.77 7.40
CA ALA B 21 11.47 5.16 8.42
C ALA B 21 10.15 4.41 8.26
N VAL B 22 9.62 3.96 9.38
CA VAL B 22 8.37 3.24 9.42
C VAL B 22 7.47 3.85 10.48
N HIS B 23 6.24 4.20 10.12
CA HIS B 23 5.28 4.74 11.09
C HIS B 23 4.05 3.86 11.15
N VAL B 24 3.61 3.55 12.35
CA VAL B 24 2.43 2.72 12.56
C VAL B 24 1.35 3.57 13.19
N PHE B 25 0.13 3.43 12.70
CA PHE B 25 -1.04 4.17 13.15
C PHE B 25 -2.15 3.21 13.50
N ARG B 26 -3.04 3.63 14.40
N ARG B 26 -3.03 3.63 14.40
CA ARG B 26 -4.24 2.89 14.69
CA ARG B 26 -4.24 2.88 14.68
C ARG B 26 -5.45 3.78 14.42
C ARG B 26 -5.44 3.78 14.40
N LYS B 27 -6.47 3.22 13.77
CA LYS B 27 -7.66 3.98 13.43
C LYS B 27 -8.45 4.29 14.69
N ALA B 28 -8.80 5.56 14.86
CA ALA B 28 -9.55 5.98 16.03
C ALA B 28 -11.04 5.98 15.77
N ALA B 29 -11.83 6.15 16.83
CA ALA B 29 -13.29 6.09 16.74
C ALA B 29 -13.85 7.15 15.79
N ASP B 30 -13.14 8.27 15.65
CA ASP B 30 -13.55 9.32 14.72
C ASP B 30 -12.96 9.09 13.32
N ASP B 31 -12.47 7.87 13.09
CA ASP B 31 -11.94 7.45 11.80
C ASP B 31 -10.73 8.25 11.32
N THR B 32 -9.99 8.83 12.26
CA THR B 32 -8.70 9.43 11.96
C THR B 32 -7.59 8.45 12.33
N TRP B 33 -6.38 8.69 11.84
CA TRP B 33 -5.25 7.84 12.13
C TRP B 33 -4.42 8.38 13.30
N GLU B 34 -4.34 7.61 14.37
N GLU B 34 -4.36 7.61 14.37
CA GLU B 34 -3.59 8.01 15.55
CA GLU B 34 -3.60 7.95 15.57
C GLU B 34 -2.23 7.33 15.58
C GLU B 34 -2.21 7.32 15.52
N PRO B 35 -1.15 8.13 15.71
CA PRO B 35 0.21 7.59 15.83
C PRO B 35 0.28 6.53 16.93
N PHE B 36 0.95 5.43 16.64
CA PHE B 36 0.95 4.27 17.53
C PHE B 36 2.39 3.87 17.88
N ALA B 37 3.25 3.83 16.86
CA ALA B 37 4.64 3.42 17.03
C ALA B 37 5.42 3.82 15.79
N SER B 38 6.74 3.95 15.92
CA SER B 38 7.57 4.18 14.74
C SER B 38 9.00 3.77 15.01
N GLY B 39 9.81 3.73 13.96
CA GLY B 39 11.22 3.38 14.09
C GLY B 39 11.86 3.43 12.72
N LYS B 40 13.13 3.01 12.68
N LYS B 40 13.12 3.02 12.65
CA LYS B 40 13.89 2.88 11.46
CA LYS B 40 13.78 2.89 11.36
C LYS B 40 14.33 1.44 11.31
C LYS B 40 14.40 1.51 11.28
N THR B 41 14.41 0.94 10.09
CA THR B 41 14.91 -0.40 9.89
C THR B 41 16.40 -0.49 10.22
N SER B 42 16.78 -1.64 10.74
CA SER B 42 18.15 -1.95 11.13
C SER B 42 19.02 -2.28 9.93
N GLU B 43 20.27 -2.64 10.21
CA GLU B 43 21.17 -3.06 9.15
C GLU B 43 20.71 -4.37 8.51
N SER B 44 19.78 -5.08 9.16
CA SER B 44 19.24 -6.29 8.54
C SER B 44 17.88 -6.01 7.89
N GLY B 45 17.49 -4.73 7.83
CA GLY B 45 16.24 -4.37 7.18
C GLY B 45 15.03 -4.60 8.07
N GLU B 46 15.26 -4.82 9.35
CA GLU B 46 14.18 -5.20 10.26
C GLU B 46 13.85 -4.13 11.27
N LEU B 47 12.61 -4.14 11.71
CA LEU B 47 12.20 -3.25 12.78
C LEU B 47 11.36 -4.07 13.74
N HIS B 48 11.89 -4.19 14.96
CA HIS B 48 11.28 -4.96 16.03
C HIS B 48 10.93 -4.01 17.16
N GLY B 49 10.18 -4.50 18.13
CA GLY B 49 9.94 -3.73 19.34
C GLY B 49 8.98 -2.58 19.19
N LEU B 50 8.18 -2.61 18.13
CA LEU B 50 7.22 -1.55 17.87
C LEU B 50 6.12 -1.48 18.92
N THR B 51 5.67 -2.64 19.39
CA THR B 51 4.59 -2.68 20.35
C THR B 51 4.70 -3.90 21.25
N THR B 52 3.77 -4.02 22.18
CA THR B 52 3.72 -5.16 23.08
C THR B 52 2.41 -5.88 22.89
N GLU B 53 2.34 -7.12 23.37
N GLU B 53 2.35 -7.11 23.39
CA GLU B 53 1.11 -7.88 23.30
CA GLU B 53 1.12 -7.90 23.35
C GLU B 53 0.00 -7.13 24.04
C GLU B 53 -0.06 -7.16 23.95
N GLU B 54 0.38 -6.46 25.13
N GLU B 54 0.17 -6.50 25.08
CA GLU B 54 -0.57 -5.78 25.98
CA GLU B 54 -0.89 -5.84 25.82
C GLU B 54 -1.31 -4.67 25.23
C GLU B 54 -1.41 -4.60 25.09
N GLU B 55 -0.58 -3.90 24.42
N GLU B 55 -0.50 -3.92 24.39
CA GLU B 55 -1.15 -2.74 23.76
CA GLU B 55 -0.86 -2.69 23.69
C GLU B 55 -1.72 -3.06 22.38
C GLU B 55 -1.50 -2.93 22.33
N PHE B 56 -1.20 -4.09 21.73
CA PHE B 56 -1.60 -4.41 20.36
C PHE B 56 -2.95 -5.12 20.34
N VAL B 57 -4.00 -4.37 20.59
CA VAL B 57 -5.35 -4.91 20.65
C VAL B 57 -5.98 -4.96 19.25
N GLU B 58 -7.09 -5.66 19.14
CA GLU B 58 -7.83 -5.68 17.87
C GLU B 58 -8.14 -4.26 17.42
N GLY B 59 -8.08 -4.03 16.13
CA GLY B 59 -8.30 -2.70 15.59
C GLY B 59 -7.80 -2.67 14.16
N ILE B 60 -7.95 -1.53 13.51
CA ILE B 60 -7.40 -1.35 12.17
C ILE B 60 -6.11 -0.57 12.28
N TYR B 61 -5.06 -1.10 11.67
CA TYR B 61 -3.73 -0.51 11.75
C TYR B 61 -3.23 -0.15 10.36
N LYS B 62 -2.40 0.88 10.31
CA LYS B 62 -1.71 1.27 9.10
C LYS B 62 -0.22 1.30 9.37
N VAL B 63 0.55 0.63 8.51
CA VAL B 63 1.99 0.70 8.55
C VAL B 63 2.43 1.49 7.33
N GLU B 64 3.01 2.67 7.55
N GLU B 64 3.08 2.64 7.55
CA GLU B 64 3.52 3.47 6.45
CA GLU B 64 3.53 3.52 6.48
C GLU B 64 5.03 3.34 6.42
C GLU B 64 5.05 3.54 6.35
N ILE B 65 5.56 3.02 5.24
CA ILE B 65 6.99 2.86 5.04
C ILE B 65 7.48 3.97 4.11
N ASP B 66 8.43 4.79 4.57
CA ASP B 66 8.86 5.95 3.79
C ASP B 66 9.86 5.55 2.72
N THR B 67 9.31 4.99 1.65
CA THR B 67 10.11 4.49 0.55
C THR B 67 10.71 5.63 -0.27
N LYS B 68 9.99 6.74 -0.40
CA LYS B 68 10.51 7.85 -1.21
C LYS B 68 11.83 8.40 -0.64
N SER B 69 11.89 8.60 0.67
CA SER B 69 13.14 9.06 1.26
C SER B 69 14.29 8.07 1.06
N TYR B 70 13.97 6.77 1.06
CA TYR B 70 14.98 5.74 0.86
C TYR B 70 15.58 5.85 -0.54
N TRP B 71 14.72 5.92 -1.57
CA TRP B 71 15.22 6.01 -2.94
C TRP B 71 15.94 7.34 -3.18
N LYS B 72 15.47 8.41 -2.55
CA LYS B 72 16.13 9.70 -2.69
C LYS B 72 17.56 9.64 -2.15
N ALA B 73 17.74 8.93 -1.04
CA ALA B 73 19.06 8.75 -0.45
C ALA B 73 20.01 8.03 -1.42
N LEU B 74 19.45 7.18 -2.28
CA LEU B 74 20.23 6.42 -3.23
C LEU B 74 20.38 7.11 -4.58
N GLY B 75 19.76 8.28 -4.73
CA GLY B 75 19.82 8.99 -5.99
C GLY B 75 19.00 8.38 -7.10
N ILE B 76 17.91 7.69 -6.74
CA ILE B 76 17.07 7.00 -7.70
C ILE B 76 15.66 7.55 -7.65
N SER B 77 15.13 7.99 -8.78
CA SER B 77 13.81 8.60 -8.84
C SER B 77 12.71 7.56 -8.61
N PRO B 78 11.87 7.75 -7.57
CA PRO B 78 10.85 6.74 -7.29
C PRO B 78 9.45 7.20 -7.64
N PHE B 79 8.53 6.24 -7.72
CA PHE B 79 7.14 6.55 -8.02
C PHE B 79 6.30 6.90 -6.79
N HIS B 80 6.34 6.02 -5.79
N HIS B 80 6.39 6.07 -5.77
CA HIS B 80 5.46 6.13 -4.63
CA HIS B 80 5.45 6.18 -4.65
C HIS B 80 5.96 7.20 -3.67
C HIS B 80 5.95 7.10 -3.55
N GLU B 81 5.03 7.86 -2.97
CA GLU B 81 5.38 8.69 -1.82
C GLU B 81 5.82 7.81 -0.64
N HIS B 82 5.18 6.67 -0.50
CA HIS B 82 5.44 5.75 0.57
C HIS B 82 4.66 4.50 0.26
N ALA B 83 4.78 3.49 1.11
N ALA B 83 5.01 3.41 0.94
CA ALA B 83 3.85 2.38 1.09
CA ALA B 83 4.31 2.15 0.81
C ALA B 83 2.92 2.46 2.30
C ALA B 83 3.54 1.97 2.09
N GLU B 84 1.65 2.14 2.11
N GLU B 84 2.22 2.03 2.03
CA GLU B 84 0.65 2.22 3.17
CA GLU B 84 1.45 1.88 3.25
C GLU B 84 -0.07 0.87 3.34
C GLU B 84 0.47 0.72 3.18
N VAL B 85 0.35 0.06 4.33
CA VAL B 85 -0.19 -1.29 4.47
C VAL B 85 -1.24 -1.22 5.55
N VAL B 86 -2.50 -1.50 5.22
CA VAL B 86 -3.61 -1.28 6.14
C VAL B 86 -4.31 -2.62 6.37
N PHE B 87 -4.52 -2.98 7.64
CA PHE B 87 -5.07 -4.29 7.96
C PHE B 87 -5.82 -4.26 9.28
N THR B 88 -6.69 -5.23 9.48
CA THR B 88 -7.34 -5.45 10.78
C THR B 88 -6.58 -6.51 11.56
N ALA B 89 -6.23 -6.21 12.81
CA ALA B 89 -5.63 -7.19 13.70
C ALA B 89 -6.74 -7.99 14.40
N ASN B 90 -6.66 -9.32 14.37
CA ASN B 90 -7.76 -10.19 14.80
C ASN B 90 -7.29 -11.25 15.79
N ASP B 91 -7.89 -11.24 16.97
N ASP B 91 -7.93 -11.31 16.95
CA ASP B 91 -7.62 -12.29 17.94
CA ASP B 91 -7.46 -12.17 18.03
C ASP B 91 -8.20 -13.63 17.50
C ASP B 91 -7.73 -13.65 17.82
N SER B 92 -7.44 -14.68 17.74
N SER B 92 -8.56 -13.97 16.83
CA SER B 92 -7.87 -16.01 17.38
CA SER B 92 -8.87 -15.36 16.52
C SER B 92 -6.63 -16.87 17.55
C SER B 92 -7.61 -16.16 16.15
N GLY B 93 -6.25 -17.10 18.81
N GLY B 93 -6.49 -15.47 16.01
CA GLY B 93 -4.96 -17.67 19.13
CA GLY B 93 -5.23 -16.09 15.71
C GLY B 93 -3.95 -16.54 19.23
C GLY B 93 -4.97 -16.08 14.22
N PRO B 94 -2.77 -16.84 19.77
N PRO B 94 -3.70 -16.18 13.82
CA PRO B 94 -1.72 -15.85 20.02
CA PRO B 94 -2.51 -16.21 14.67
C PRO B 94 -0.91 -15.48 18.78
C PRO B 94 -2.16 -14.82 15.22
N ARG B 95 -1.53 -14.77 17.84
N ARG B 95 -1.26 -14.77 16.21
CA ARG B 95 -0.91 -14.52 16.54
CA ARG B 95 -1.05 -13.51 16.95
C ARG B 95 0.21 -13.47 16.56
C ARG B 95 0.30 -12.83 16.72
N ARG B 96 1.23 -13.68 15.73
N ARG B 96 1.10 -13.35 15.80
CA ARG B 96 2.24 -12.67 15.49
CA ARG B 96 2.37 -12.68 15.46
C ARG B 96 2.11 -12.20 14.03
C ARG B 96 2.38 -12.26 14.00
N TYR B 97 2.51 -10.96 13.77
CA TYR B 97 2.43 -10.37 12.44
C TYR B 97 3.78 -9.91 11.95
N THR B 98 4.21 -10.40 10.79
CA THR B 98 5.37 -9.82 10.13
C THR B 98 4.90 -9.19 8.84
N ILE B 99 5.16 -7.89 8.71
CA ILE B 99 4.86 -7.18 7.47
C ILE B 99 6.13 -7.11 6.66
N ALA B 100 6.18 -7.81 5.54
CA ALA B 100 7.37 -7.80 4.70
C ALA B 100 7.09 -6.92 3.50
N ALA B 101 8.06 -6.12 3.11
CA ALA B 101 7.94 -5.27 1.94
C ALA B 101 9.16 -5.43 1.08
N LEU B 102 8.96 -5.50 -0.22
CA LEU B 102 10.01 -5.62 -1.22
C LEU B 102 9.93 -4.40 -2.11
N LEU B 103 11.00 -3.63 -2.18
CA LEU B 103 10.95 -2.31 -2.81
C LEU B 103 11.72 -2.20 -4.12
N SER B 104 11.05 -1.64 -5.14
N SER B 104 11.07 -1.63 -5.14
CA SER B 104 11.70 -1.17 -6.36
CA SER B 104 11.75 -1.16 -6.33
C SER B 104 11.26 0.28 -6.59
C SER B 104 11.26 0.26 -6.61
N PRO B 105 12.00 1.04 -7.41
CA PRO B 105 11.61 2.44 -7.59
C PRO B 105 10.17 2.66 -8.09
N TYR B 106 9.68 1.81 -8.97
N TYR B 106 9.67 1.83 -8.98
CA TYR B 106 8.34 1.98 -9.51
CA TYR B 106 8.32 1.99 -9.51
C TYR B 106 7.42 0.80 -9.20
C TYR B 106 7.34 0.88 -9.11
N SER B 107 7.72 0.07 -8.14
CA SER B 107 6.88 -1.04 -7.72
C SER B 107 7.20 -1.45 -6.30
N TYR B 108 6.18 -1.79 -5.51
N TYR B 108 6.19 -1.84 -5.54
CA TYR B 108 6.45 -2.47 -4.25
CA TYR B 108 6.53 -2.57 -4.32
C TYR B 108 5.50 -3.65 -4.06
C TYR B 108 5.53 -3.68 -4.11
N SER B 109 5.96 -4.60 -3.27
N SER B 109 5.96 -4.68 -3.38
CA SER B 109 5.17 -5.77 -2.91
CA SER B 109 5.04 -5.68 -2.91
C SER B 109 5.14 -5.88 -1.40
C SER B 109 5.08 -5.72 -1.40
N THR B 110 3.98 -6.20 -0.83
CA THR B 110 3.95 -6.38 0.60
C THR B 110 3.21 -7.65 0.92
N THR B 111 3.73 -8.37 1.90
N THR B 111 3.71 -8.39 1.90
CA THR B 111 3.11 -9.62 2.30
CA THR B 111 3.11 -9.66 2.26
C THR B 111 2.99 -9.62 3.80
C THR B 111 3.11 -9.83 3.77
N ALA B 112 1.99 -10.31 4.30
CA ALA B 112 1.87 -10.54 5.73
C ALA B 112 2.13 -12.00 6.03
N VAL B 113 3.01 -12.25 7.01
CA VAL B 113 3.25 -13.58 7.52
C VAL B 113 2.68 -13.59 8.92
N VAL B 114 1.64 -14.38 9.12
CA VAL B 114 0.92 -14.39 10.38
C VAL B 114 1.06 -15.77 11.00
N THR B 115 1.71 -15.87 12.16
CA THR B 115 2.09 -17.15 12.72
C THR B 115 1.82 -17.24 14.21
N ASN B 116 2.03 -18.43 14.76
CA ASN B 116 1.93 -18.65 16.20
C ASN B 116 3.22 -19.21 16.75
N PRO B 117 3.53 -18.85 17.99
CA PRO B 117 4.76 -19.32 18.64
C PRO B 117 4.74 -20.84 18.84
O16 CUR C . -0.92 -6.78 -18.50
C15 CUR C . -0.14 -6.25 -17.55
C17 CUR C . 0.42 -7.05 -16.44
C18 CUR C . 0.94 -6.30 -15.47
C19 CUR C . 1.57 -6.77 -14.21
C24 CUR C . 2.61 -7.69 -14.21
C23 CUR C . 3.17 -8.09 -13.01
C22 CUR C . 2.72 -7.55 -11.80
O4' CUR C . 3.28 -7.95 -10.63
C21 CUR C . 1.70 -6.61 -11.80
O26 CUR C . 1.21 -6.07 -10.62
C27 CUR C . 1.94 -5.18 -9.76
C20 CUR C . 1.13 -6.23 -13.01
C10 CUR C . 0.18 -4.96 -17.52
C9 CUR C . -0.21 -3.87 -18.43
O2 CUR C . -0.50 -4.02 -19.61
C8 CUR C . -0.26 -2.56 -17.75
C7 CUR C . 0.21 -1.36 -18.07
C1 CUR C . 0.93 -0.80 -19.24
C2 CUR C . 1.51 -1.56 -20.24
C3 CUR C . 2.16 -0.89 -21.27
O3 CUR C . 2.71 -1.61 -22.30
C3O CUR C . 1.81 -1.92 -23.35
C4 CUR C . 2.22 0.49 -21.33
O4 CUR C . 2.86 1.10 -22.37
C5 CUR C . 1.63 1.24 -20.33
C6 CUR C . 1.00 0.58 -19.29
NA NA D . 6.37 21.28 -14.30
O16 CUR E . 13.82 -13.09 3.01
C15 CUR E . 12.60 -12.56 3.11
C17 CUR E . 11.89 -12.12 1.90
C18 CUR E . 10.57 -11.99 1.91
C19 CUR E . 9.88 -11.52 0.69
C24 CUR E . 9.96 -12.21 -0.52
C23 CUR E . 9.29 -11.71 -1.63
C22 CUR E . 8.56 -10.53 -1.55
O4' CUR E . 7.92 -10.05 -2.65
C21 CUR E . 8.50 -9.85 -0.35
O26 CUR E . 7.79 -8.68 -0.24
C27 CUR E . 6.37 -8.74 -0.26
C20 CUR E . 9.15 -10.33 0.77
C10 CUR E . 11.99 -12.39 4.30
C9 CUR E . 12.64 -12.79 5.57
O2 CUR E . 13.85 -12.71 5.70
C8 CUR E . 11.81 -13.26 6.68
C7 CUR E . 10.50 -13.47 6.52
C1 CUR E . 9.71 -13.95 7.67
C2 CUR E . 9.23 -15.25 7.71
C3 CUR E . 8.48 -15.69 8.79
O3 CUR E . 8.01 -16.98 8.83
C3O CUR E . 8.81 -17.99 9.44
C4 CUR E . 8.23 -14.84 9.85
O4 CUR E . 7.50 -15.27 10.92
C5 CUR E . 8.72 -13.53 9.82
C6 CUR E . 9.45 -13.10 8.73
C1 EDO F . -2.92 -9.44 17.58
O1 EDO F . -3.55 -10.41 16.74
C2 EDO F . -3.83 -8.22 17.66
O2 EDO F . -5.19 -8.62 17.71
#